data_8R2B
#
_entry.id   8R2B
#
_cell.length_a   52.628
_cell.length_b   62.281
_cell.length_c   89.814
_cell.angle_alpha   90.00
_cell.angle_beta   90.00
_cell.angle_gamma   90.00
#
_symmetry.space_group_name_H-M   'P 21 21 21'
#
loop_
_entity.id
_entity.type
_entity.pdbx_description
1 polymer SnoL
2 non-polymer "3',4'-demethoxy-nogalose-nogalamycinone"
3 water water
#
_entity_poly.entity_id   1
_entity_poly.type   'polypeptide(L)'
_entity_poly.pdbx_seq_one_letter_code
;MAHHHHHHRSSTTANKERCLEMVAAWNRWDVSGVVAHWAPDVVHYDDEDKPVSAEEVVRRMNSAVEAFPDLRLDVRSIVG
EGDRVMLRITCSATHQGVFMGIAPTGRKVRWTYLEELRFSEAGKVVEHWDVFNFSPLFRDLGVVPDGL
;
_entity_poly.pdbx_strand_id   A,B
#
loop_
_chem_comp.id
_chem_comp.type
_chem_comp.name
_chem_comp.formula
XN0 non-polymer 3',4'-demethoxy-nogalose-nogalamycinone 'C29 H32 O12'
#
# COMPACT_ATOMS: atom_id res chain seq x y z
N SER A 11 -21.16 1.87 -10.69
CA SER A 11 -21.00 3.22 -10.09
C SER A 11 -19.90 3.13 -9.03
N THR A 12 -19.17 4.21 -8.84
CA THR A 12 -18.07 4.19 -7.88
C THR A 12 -18.62 4.19 -6.48
N THR A 13 -19.73 4.90 -6.25
CA THR A 13 -20.37 4.88 -4.95
C THR A 13 -20.70 3.43 -4.65
N ALA A 14 -21.36 2.77 -5.58
CA ALA A 14 -21.73 1.40 -5.37
C ALA A 14 -20.49 0.49 -5.12
N ASN A 15 -19.45 0.67 -5.93
CA ASN A 15 -18.24 -0.12 -5.74
C ASN A 15 -17.63 0.07 -4.37
N LYS A 16 -17.64 1.29 -3.89
CA LYS A 16 -17.08 1.55 -2.60
C LYS A 16 -17.87 0.86 -1.52
N GLU A 17 -19.18 0.83 -1.62
CA GLU A 17 -20.00 0.13 -0.60
C GLU A 17 -19.71 -1.31 -0.62
N ARG A 18 -19.52 -1.85 -1.81
CA ARG A 18 -19.18 -3.26 -1.91
C ARG A 18 -17.87 -3.53 -1.16
N CYS A 19 -16.89 -2.64 -1.31
CA CYS A 19 -15.66 -2.82 -0.58
C CYS A 19 -15.93 -2.78 0.93
N LEU A 20 -16.76 -1.85 1.37
CA LEU A 20 -17.05 -1.81 2.80
C LEU A 20 -17.75 -3.08 3.25
N GLU A 21 -18.51 -3.71 2.36
CA GLU A 21 -19.14 -5.01 2.69
C GLU A 21 -18.09 -6.05 2.89
N MET A 22 -17.03 -6.03 2.10
CA MET A 22 -15.97 -6.99 2.23
C MET A 22 -15.26 -6.77 3.53
N VAL A 23 -15.06 -5.53 3.94
CA VAL A 23 -14.39 -5.28 5.24
C VAL A 23 -15.27 -5.82 6.36
N ALA A 24 -16.56 -5.56 6.28
CA ALA A 24 -17.47 -6.04 7.33
C ALA A 24 -17.48 -7.53 7.42
N ALA A 25 -17.42 -8.23 6.29
CA ALA A 25 -17.26 -9.68 6.31
C ALA A 25 -16.00 -10.15 6.98
N TRP A 26 -14.85 -9.50 6.71
CA TRP A 26 -13.62 -9.82 7.42
C TRP A 26 -13.78 -9.62 8.93
N ASN A 27 -14.46 -8.59 9.30
CA ASN A 27 -14.57 -8.20 10.73
C ASN A 27 -15.50 -9.12 11.55
N ARG A 28 -16.29 -9.92 10.84
CA ARG A 28 -17.05 -11.03 11.47
C ARG A 28 -16.46 -12.37 11.10
N TRP A 29 -15.23 -12.31 10.58
CA TRP A 29 -14.41 -13.46 10.29
C TRP A 29 -15.07 -14.43 9.29
N ASP A 30 -15.77 -13.89 8.32
CA ASP A 30 -16.49 -14.64 7.31
C ASP A 30 -15.80 -14.45 5.93
N VAL A 31 -14.83 -15.27 5.61
CA VAL A 31 -14.12 -15.24 4.30
C VAL A 31 -15.05 -15.41 3.15
N SER A 32 -16.05 -16.27 3.32
CA SER A 32 -16.98 -16.50 2.28
C SER A 32 -17.72 -15.25 1.88
N GLY A 33 -17.94 -14.33 2.82
CA GLY A 33 -18.57 -13.07 2.48
C GLY A 33 -17.64 -12.16 1.71
N VAL A 34 -16.33 -12.41 1.75
CA VAL A 34 -15.42 -11.64 0.93
C VAL A 34 -15.50 -12.23 -0.48
N VAL A 35 -15.38 -13.55 -0.57
CA VAL A 35 -15.27 -14.27 -1.82
C VAL A 35 -16.53 -14.07 -2.66
N ALA A 36 -17.64 -13.83 -1.99
CA ALA A 36 -18.88 -13.62 -2.70
C ALA A 36 -18.84 -12.49 -3.68
N HIS A 37 -17.91 -11.55 -3.49
CA HIS A 37 -17.87 -10.43 -4.40
C HIS A 37 -17.03 -10.68 -5.65
N TRP A 38 -16.33 -11.78 -5.69
CA TRP A 38 -15.45 -12.06 -6.81
C TRP A 38 -16.19 -12.49 -8.08
N ALA A 39 -15.70 -12.05 -9.21
CA ALA A 39 -16.24 -12.49 -10.47
C ALA A 39 -15.80 -13.93 -10.68
N PRO A 40 -16.52 -14.71 -11.54
CA PRO A 40 -16.04 -16.07 -11.69
C PRO A 40 -14.65 -16.13 -12.29
N ASP A 41 -14.27 -15.14 -13.08
CA ASP A 41 -12.95 -15.13 -13.71
C ASP A 41 -11.99 -14.08 -13.10
N VAL A 42 -12.03 -13.95 -11.79
CA VAL A 42 -11.20 -12.95 -11.10
C VAL A 42 -9.75 -13.31 -11.17
N VAL A 43 -8.88 -12.29 -11.25
CA VAL A 43 -7.45 -12.50 -11.20
C VAL A 43 -6.88 -11.80 -9.98
N HIS A 44 -6.09 -12.52 -9.19
CA HIS A 44 -5.42 -11.94 -8.04
C HIS A 44 -3.94 -12.01 -8.29
N TYR A 45 -3.25 -10.95 -7.92
CA TYR A 45 -1.83 -10.80 -8.18
C TYR A 45 -1.06 -10.84 -6.89
N ASP A 46 -0.03 -11.64 -6.87
CA ASP A 46 0.82 -11.70 -5.71
C ASP A 46 1.78 -10.56 -5.69
N ASP A 47 2.60 -10.59 -4.67
CA ASP A 47 3.58 -9.54 -4.45
C ASP A 47 4.55 -9.22 -5.59
N GLU A 48 4.66 -10.11 -6.58
CA GLU A 48 5.55 -9.94 -7.74
C GLU A 48 4.78 -9.76 -9.02
N ASP A 49 3.51 -9.56 -8.90
CA ASP A 49 2.66 -9.35 -10.07
C ASP A 49 2.30 -10.61 -10.86
N LYS A 50 2.47 -11.75 -10.26
CA LYS A 50 2.08 -12.98 -10.89
C LYS A 50 0.72 -13.38 -10.38
N PRO A 51 -0.17 -13.86 -11.26
CA PRO A 51 -1.46 -14.32 -10.82
C PRO A 51 -1.34 -15.42 -9.78
N VAL A 52 -2.24 -15.39 -8.82
CA VAL A 52 -2.41 -16.41 -7.77
C VAL A 52 -3.80 -17.00 -7.89
N SER A 53 -3.91 -18.32 -7.78
CA SER A 53 -5.21 -18.92 -7.96
C SER A 53 -6.20 -18.51 -6.89
N ALA A 54 -7.46 -18.40 -7.27
CA ALA A 54 -8.51 -18.04 -6.35
C ALA A 54 -8.53 -19.02 -5.20
N GLU A 55 -8.23 -20.28 -5.46
CA GLU A 55 -8.19 -21.27 -4.40
C GLU A 55 -7.09 -21.03 -3.42
N GLU A 56 -5.93 -20.63 -3.89
CA GLU A 56 -4.82 -20.34 -3.00
C GLU A 56 -5.06 -19.03 -2.19
N VAL A 57 -5.73 -18.05 -2.79
CA VAL A 57 -6.05 -16.85 -2.07
C VAL A 57 -6.99 -17.22 -0.92
N VAL A 58 -8.01 -18.03 -1.21
CA VAL A 58 -8.97 -18.47 -0.20
C VAL A 58 -8.25 -19.17 0.93
N ARG A 59 -7.21 -19.92 0.62
CA ARG A 59 -6.51 -20.67 1.59
C ARG A 59 -5.77 -19.74 2.50
N ARG A 60 -5.10 -18.75 1.94
CA ARG A 60 -4.40 -17.78 2.75
C ARG A 60 -5.36 -17.01 3.60
N MET A 61 -6.52 -16.61 3.08
CA MET A 61 -7.47 -15.87 3.88
C MET A 61 -7.98 -16.71 5.05
N ASN A 62 -8.32 -17.99 4.79
CA ASN A 62 -8.75 -18.85 5.86
C ASN A 62 -7.74 -19.01 6.94
N SER A 63 -6.49 -19.09 6.57
CA SER A 63 -5.44 -19.25 7.56
C SER A 63 -5.26 -18.01 8.43
N ALA A 64 -5.49 -16.83 7.87
CA ALA A 64 -5.42 -15.61 8.63
C ALA A 64 -6.54 -15.54 9.65
N VAL A 65 -7.77 -15.91 9.28
CA VAL A 65 -8.85 -15.91 10.24
C VAL A 65 -8.56 -16.88 11.36
N GLU A 66 -7.89 -17.99 11.08
CA GLU A 66 -7.58 -18.92 12.15
C GLU A 66 -6.44 -18.40 12.99
N ALA A 67 -5.42 -17.84 12.35
CA ALA A 67 -4.28 -17.38 13.10
C ALA A 67 -4.46 -16.05 13.86
N PHE A 68 -5.40 -15.21 13.45
CA PHE A 68 -5.61 -13.89 13.99
C PHE A 68 -7.10 -13.80 14.27
N PRO A 69 -7.61 -14.63 15.20
CA PRO A 69 -9.05 -14.82 15.22
C PRO A 69 -9.85 -13.67 15.82
N ASP A 70 -9.17 -12.66 16.35
CA ASP A 70 -9.83 -11.49 16.86
C ASP A 70 -9.54 -10.28 16.03
N LEU A 71 -9.12 -10.53 14.79
CA LEU A 71 -8.68 -9.43 13.93
C LEU A 71 -9.77 -8.41 13.72
N ARG A 72 -9.33 -7.17 13.55
CA ARG A 72 -10.22 -6.03 13.32
C ARG A 72 -9.60 -5.12 12.27
N LEU A 73 -10.37 -4.75 11.28
CA LEU A 73 -9.87 -3.93 10.19
C LEU A 73 -10.53 -2.59 10.28
N ASP A 74 -9.74 -1.53 10.24
N ASP A 74 -9.73 -1.53 10.27
CA ASP A 74 -10.31 -0.19 10.24
CA ASP A 74 -10.24 -0.18 10.22
C ASP A 74 -9.91 0.47 8.94
C ASP A 74 -9.90 0.40 8.88
N VAL A 75 -10.89 0.92 8.17
CA VAL A 75 -10.57 1.56 6.91
C VAL A 75 -10.05 2.95 7.20
N ARG A 76 -8.79 3.20 6.88
CA ARG A 76 -8.19 4.52 7.13
C ARG A 76 -8.57 5.49 6.01
N SER A 77 -8.64 5.03 4.79
CA SER A 77 -9.12 5.92 3.71
C SER A 77 -9.56 5.02 2.59
N ILE A 78 -10.47 5.53 1.78
CA ILE A 78 -10.99 4.82 0.64
C ILE A 78 -11.26 5.82 -0.48
N VAL A 79 -10.80 5.51 -1.67
CA VAL A 79 -10.98 6.36 -2.85
C VAL A 79 -11.43 5.52 -4.01
N GLY A 80 -12.45 6.00 -4.68
CA GLY A 80 -13.02 5.37 -5.85
C GLY A 80 -12.93 6.30 -7.03
N GLU A 81 -12.54 5.75 -8.17
CA GLU A 81 -12.58 6.47 -9.43
C GLU A 81 -12.76 5.46 -10.55
N GLY A 82 -13.75 5.68 -11.40
CA GLY A 82 -14.01 4.79 -12.52
C GLY A 82 -14.36 3.41 -12.04
N ASP A 83 -13.70 2.41 -12.57
CA ASP A 83 -13.92 1.06 -12.14
C ASP A 83 -13.03 0.60 -11.00
N ARG A 84 -12.24 1.48 -10.41
CA ARG A 84 -11.36 1.06 -9.31
C ARG A 84 -11.65 1.64 -7.96
N VAL A 85 -11.23 0.89 -6.93
CA VAL A 85 -11.24 1.35 -5.55
C VAL A 85 -9.94 0.98 -4.88
N MET A 86 -9.34 1.96 -4.18
CA MET A 86 -8.21 1.73 -3.33
C MET A 86 -8.61 2.02 -1.89
N LEU A 87 -8.13 1.17 -0.94
CA LEU A 87 -8.36 1.37 0.44
C LEU A 87 -7.12 1.19 1.22
N ARG A 88 -6.85 2.05 2.23
CA ARG A 88 -5.69 1.81 3.12
C ARG A 88 -6.35 1.36 4.37
N ILE A 89 -5.94 0.21 4.86
CA ILE A 89 -6.60 -0.46 5.94
C ILE A 89 -5.59 -0.81 7.01
N THR A 90 -6.01 -0.73 8.28
CA THR A 90 -5.15 -1.19 9.35
C THR A 90 -5.81 -2.39 10.01
N CYS A 91 -5.04 -3.45 10.22
CA CYS A 91 -5.49 -4.64 10.88
C CYS A 91 -4.80 -4.77 12.20
N SER A 92 -5.56 -4.95 13.27
CA SER A 92 -5.06 -5.18 14.59
C SER A 92 -5.59 -6.54 15.06
N ALA A 93 -4.74 -7.31 15.68
CA ALA A 93 -5.14 -8.63 16.14
C ALA A 93 -4.16 -9.13 17.19
N THR A 94 -4.42 -10.35 17.66
CA THR A 94 -3.55 -11.09 18.47
C THR A 94 -3.07 -12.27 17.66
N HIS A 95 -1.81 -12.58 17.71
CA HIS A 95 -1.27 -13.61 16.89
C HIS A 95 -1.37 -14.98 17.60
N GLN A 96 -2.42 -15.71 17.33
N GLN A 96 -2.42 -15.72 17.34
CA GLN A 96 -2.76 -16.89 18.14
CA GLN A 96 -2.74 -16.89 18.14
C GLN A 96 -2.43 -18.20 17.46
C GLN A 96 -2.44 -18.21 17.46
N GLY A 97 -2.37 -18.16 16.14
CA GLY A 97 -2.18 -19.36 15.33
C GLY A 97 -0.96 -19.26 14.43
N VAL A 98 -0.55 -20.39 13.82
CA VAL A 98 0.56 -20.38 12.87
C VAL A 98 0.10 -19.69 11.60
N PHE A 99 0.91 -18.79 11.07
CA PHE A 99 0.53 -18.12 9.79
C PHE A 99 1.78 -18.10 8.90
N MET A 100 1.67 -18.68 7.72
CA MET A 100 2.82 -18.69 6.75
C MET A 100 4.06 -19.10 7.41
N GLY A 101 3.98 -20.18 8.14
CA GLY A 101 5.13 -20.71 8.81
C GLY A 101 5.57 -19.97 10.02
N ILE A 102 4.89 -18.88 10.37
CA ILE A 102 5.28 -18.16 11.54
C ILE A 102 4.43 -18.59 12.73
N ALA A 103 5.11 -18.99 13.76
CA ALA A 103 4.42 -19.57 14.92
C ALA A 103 3.83 -18.44 15.78
N PRO A 104 2.74 -18.74 16.45
CA PRO A 104 2.11 -17.68 17.26
C PRO A 104 3.02 -17.17 18.37
N THR A 105 2.94 -15.89 18.61
CA THR A 105 3.63 -15.29 19.72
C THR A 105 2.69 -14.94 20.80
N GLY A 106 1.38 -14.98 20.55
CA GLY A 106 0.41 -14.55 21.52
C GLY A 106 0.25 -13.02 21.67
N ARG A 107 1.05 -12.27 20.95
CA ARG A 107 1.13 -10.85 21.20
C ARG A 107 0.23 -10.06 20.26
N LYS A 108 -0.09 -8.85 20.67
CA LYS A 108 -0.77 -7.90 19.80
C LYS A 108 0.09 -7.58 18.58
N VAL A 109 -0.52 -7.57 17.41
CA VAL A 109 0.18 -7.23 16.17
C VAL A 109 -0.72 -6.27 15.44
N ARG A 110 -0.11 -5.44 14.61
CA ARG A 110 -0.83 -4.47 13.86
C ARG A 110 -0.07 -4.15 12.59
N TRP A 111 -0.78 -4.10 11.47
CA TRP A 111 -0.17 -3.77 10.19
C TRP A 111 -1.15 -2.97 9.36
N THR A 112 -0.59 -2.17 8.45
CA THR A 112 -1.40 -1.34 7.54
C THR A 112 -1.11 -1.71 6.09
N TYR A 113 -2.12 -1.71 5.23
CA TYR A 113 -1.96 -2.19 3.90
C TYR A 113 -2.83 -1.55 2.91
N LEU A 114 -2.51 -1.72 1.61
CA LEU A 114 -3.42 -1.32 0.54
C LEU A 114 -4.18 -2.46 -0.05
N GLU A 115 -5.44 -2.25 -0.42
CA GLU A 115 -6.18 -3.16 -1.21
C GLU A 115 -6.63 -2.37 -2.40
N GLU A 116 -6.35 -2.86 -3.60
CA GLU A 116 -6.89 -2.25 -4.83
C GLU A 116 -7.81 -3.23 -5.51
N LEU A 117 -9.03 -2.83 -5.84
CA LEU A 117 -9.95 -3.67 -6.52
C LEU A 117 -10.49 -3.03 -7.81
N ARG A 118 -10.58 -3.83 -8.86
CA ARG A 118 -11.13 -3.41 -10.14
C ARG A 118 -12.48 -4.13 -10.26
N PHE A 119 -13.52 -3.42 -10.68
CA PHE A 119 -14.84 -4.03 -10.79
C PHE A 119 -15.33 -4.14 -12.23
N SER A 120 -16.11 -5.16 -12.49
CA SER A 120 -16.80 -5.25 -13.75
C SER A 120 -17.96 -4.24 -13.72
N GLU A 121 -18.61 -4.06 -14.83
CA GLU A 121 -19.77 -3.19 -14.89
C GLU A 121 -20.89 -3.65 -13.97
N ALA A 122 -21.03 -4.95 -13.77
CA ALA A 122 -22.05 -5.48 -12.90
C ALA A 122 -21.64 -5.46 -11.41
N GLY A 123 -20.45 -4.94 -11.09
CA GLY A 123 -20.03 -4.76 -9.75
C GLY A 123 -19.38 -5.96 -9.09
N LYS A 124 -18.76 -6.84 -9.85
CA LYS A 124 -18.03 -7.96 -9.28
C LYS A 124 -16.53 -7.71 -9.43
N VAL A 125 -15.74 -8.23 -8.50
CA VAL A 125 -14.32 -7.96 -8.55
C VAL A 125 -13.67 -8.80 -9.65
N VAL A 126 -13.00 -8.14 -10.58
CA VAL A 126 -12.31 -8.84 -11.70
C VAL A 126 -10.83 -8.82 -11.58
N GLU A 127 -10.24 -7.86 -10.88
CA GLU A 127 -8.80 -7.89 -10.66
C GLU A 127 -8.52 -7.33 -9.28
N HIS A 128 -7.50 -7.85 -8.62
CA HIS A 128 -7.25 -7.54 -7.24
C HIS A 128 -5.76 -7.51 -6.99
N TRP A 129 -5.31 -6.44 -6.38
CA TRP A 129 -3.91 -6.26 -5.96
C TRP A 129 -3.88 -5.85 -4.47
N ASP A 130 -2.79 -6.17 -3.80
CA ASP A 130 -2.53 -5.77 -2.41
C ASP A 130 -1.10 -5.22 -2.31
N VAL A 131 -0.84 -4.44 -1.28
CA VAL A 131 0.49 -4.02 -0.89
C VAL A 131 0.56 -4.13 0.64
N PHE A 132 1.34 -5.07 1.14
CA PHE A 132 1.47 -5.26 2.58
C PHE A 132 2.86 -4.98 3.16
N ASN A 133 2.86 -4.36 4.34
CA ASN A 133 4.08 -4.19 5.12
C ASN A 133 3.85 -5.14 6.28
N PHE A 134 4.28 -6.37 6.12
CA PHE A 134 4.15 -7.41 7.12
C PHE A 134 5.31 -7.43 8.11
N SER A 135 6.17 -6.45 8.07
CA SER A 135 7.31 -6.44 8.96
C SER A 135 6.99 -6.63 10.44
N PRO A 136 5.82 -6.17 10.92
CA PRO A 136 5.55 -6.44 12.33
C PRO A 136 5.49 -7.94 12.66
N LEU A 137 5.20 -8.75 11.67
CA LEU A 137 5.13 -10.18 11.92
C LEU A 137 6.52 -10.83 11.90
N PHE A 138 7.55 -10.15 11.44
CA PHE A 138 8.86 -10.77 11.38
C PHE A 138 10.02 -9.87 11.64
N ARG A 139 9.76 -8.69 12.13
CA ARG A 139 10.82 -7.76 12.35
C ARG A 139 11.92 -8.38 13.22
N ASP A 140 11.57 -9.17 14.23
CA ASP A 140 12.56 -9.80 15.09
C ASP A 140 12.82 -11.25 14.78
N SER B 11 -10.00 19.65 -10.05
CA SER B 11 -9.53 19.43 -8.65
C SER B 11 -8.89 18.08 -8.46
N THR B 12 -9.67 17.03 -8.62
CA THR B 12 -9.16 15.69 -8.62
C THR B 12 -8.14 15.60 -9.76
N THR B 13 -8.52 16.06 -10.94
CA THR B 13 -7.62 16.00 -12.09
C THR B 13 -6.29 16.73 -11.82
N ALA B 14 -6.39 17.91 -11.24
CA ALA B 14 -5.20 18.67 -10.93
C ALA B 14 -4.35 17.99 -9.90
N ASN B 15 -4.96 17.40 -8.90
CA ASN B 15 -4.21 16.73 -7.86
C ASN B 15 -3.44 15.55 -8.44
N LYS B 16 -4.10 14.81 -9.31
CA LYS B 16 -3.43 13.69 -9.94
C LYS B 16 -2.23 14.15 -10.75
N GLU B 17 -2.36 15.23 -11.50
CA GLU B 17 -1.26 15.70 -12.29
C GLU B 17 -0.12 16.14 -11.42
N ARG B 18 -0.43 16.74 -10.28
CA ARG B 18 0.58 17.08 -9.31
C ARG B 18 1.35 15.87 -8.82
N CYS B 19 0.65 14.77 -8.56
CA CYS B 19 1.28 13.54 -8.18
C CYS B 19 2.18 13.02 -9.25
N LEU B 20 1.76 13.06 -10.50
CA LEU B 20 2.65 12.59 -11.58
C LEU B 20 3.89 13.47 -11.76
N GLU B 21 3.78 14.76 -11.42
CA GLU B 21 4.95 15.61 -11.45
C GLU B 21 5.91 15.16 -10.36
N MET B 22 5.42 14.81 -9.17
CA MET B 22 6.32 14.29 -8.14
C MET B 22 7.02 13.04 -8.58
N VAL B 23 6.29 12.14 -9.24
CA VAL B 23 6.89 10.94 -9.70
C VAL B 23 7.97 11.27 -10.76
N ALA B 24 7.69 12.20 -11.63
CA ALA B 24 8.67 12.59 -12.61
C ALA B 24 9.90 13.19 -11.94
N ALA B 25 9.71 13.95 -10.87
CA ALA B 25 10.86 14.42 -10.15
C ALA B 25 11.69 13.31 -9.58
N TRP B 26 11.09 12.30 -8.94
CA TRP B 26 11.83 11.20 -8.44
C TRP B 26 12.55 10.55 -9.62
N ASN B 27 11.90 10.44 -10.77
CA ASN B 27 12.52 9.75 -11.91
C ASN B 27 13.67 10.49 -12.57
N ARG B 28 13.86 11.78 -12.27
CA ARG B 28 15.10 12.48 -12.64
C ARG B 28 16.00 12.67 -11.44
N TRP B 29 15.68 11.97 -10.35
CA TRP B 29 16.43 11.97 -9.13
C TRP B 29 16.60 13.37 -8.52
N ASP B 30 15.50 14.12 -8.52
CA ASP B 30 15.46 15.45 -7.99
C ASP B 30 14.45 15.56 -6.79
N VAL B 31 14.93 15.32 -5.60
CA VAL B 31 14.14 15.39 -4.40
C VAL B 31 13.50 16.73 -4.24
N SER B 32 14.22 17.79 -4.60
CA SER B 32 13.65 19.10 -4.41
C SER B 32 12.40 19.29 -5.23
N GLY B 33 12.30 18.60 -6.37
CA GLY B 33 11.13 18.75 -7.17
C GLY B 33 9.92 18.04 -6.57
N VAL B 34 10.16 17.07 -5.71
CA VAL B 34 9.06 16.45 -4.98
C VAL B 34 8.58 17.38 -3.86
N VAL B 35 9.51 17.83 -3.04
CA VAL B 35 9.22 18.76 -1.92
C VAL B 35 8.52 20.04 -2.33
N ALA B 36 8.70 20.47 -3.57
CA ALA B 36 8.09 21.70 -4.04
C ALA B 36 6.60 21.68 -3.99
N HIS B 37 6.00 20.48 -3.93
CA HIS B 37 4.54 20.40 -3.86
C HIS B 37 3.99 20.39 -2.44
N TRP B 38 4.85 20.45 -1.44
CA TRP B 38 4.41 20.31 -0.06
C TRP B 38 3.87 21.60 0.48
N ALA B 39 2.86 21.53 1.31
CA ALA B 39 2.36 22.70 2.01
C ALA B 39 3.38 23.08 3.09
N PRO B 40 3.39 24.36 3.54
CA PRO B 40 4.29 24.65 4.62
C PRO B 40 4.03 23.79 5.89
N ASP B 41 2.77 23.47 6.18
N ASP B 41 2.80 23.46 6.29
CA ASP B 41 2.40 22.71 7.35
CA ASP B 41 2.65 22.64 7.50
C ASP B 41 2.24 21.19 7.12
C ASP B 41 2.28 21.17 7.13
N VAL B 42 2.93 20.62 6.12
CA VAL B 42 2.70 19.27 5.74
C VAL B 42 3.07 18.29 6.85
N VAL B 43 2.26 17.25 7.03
CA VAL B 43 2.59 16.20 7.95
C VAL B 43 2.76 14.90 7.21
N HIS B 44 3.86 14.19 7.48
CA HIS B 44 4.14 12.88 6.92
C HIS B 44 4.04 11.87 8.04
N TYR B 45 3.32 10.78 7.81
CA TYR B 45 3.12 9.74 8.81
C TYR B 45 3.94 8.51 8.47
N ASP B 46 4.57 7.92 9.48
CA ASP B 46 5.31 6.69 9.21
C ASP B 46 4.39 5.48 9.33
N ASP B 47 5.00 4.30 9.30
CA ASP B 47 4.25 3.05 9.27
C ASP B 47 3.52 2.77 10.57
N GLU B 48 3.80 3.54 11.63
CA GLU B 48 3.07 3.42 12.85
C GLU B 48 2.13 4.58 13.05
N ASP B 49 1.91 5.34 12.00
CA ASP B 49 1.12 6.55 12.02
C ASP B 49 1.68 7.65 12.86
N LYS B 50 2.98 7.65 13.07
CA LYS B 50 3.61 8.72 13.83
C LYS B 50 4.21 9.75 12.89
N PRO B 51 3.94 11.04 13.11
CA PRO B 51 4.54 12.02 12.19
C PRO B 51 6.06 11.93 12.10
N VAL B 52 6.63 12.18 10.91
CA VAL B 52 8.07 12.22 10.73
C VAL B 52 8.38 13.65 10.34
N SER B 53 9.43 14.23 10.88
CA SER B 53 9.66 15.67 10.58
C SER B 53 10.10 15.84 9.13
N ALA B 54 9.69 16.94 8.53
CA ALA B 54 10.19 17.31 7.18
C ALA B 54 11.67 17.07 7.00
N GLU B 55 12.46 17.43 7.99
CA GLU B 55 13.90 17.28 7.90
C GLU B 55 14.28 15.83 7.70
N GLU B 56 13.65 14.97 8.48
CA GLU B 56 13.92 13.57 8.44
C GLU B 56 13.33 12.96 7.18
N VAL B 57 12.16 13.43 6.71
CA VAL B 57 11.61 12.85 5.50
C VAL B 57 12.57 13.13 4.35
N VAL B 58 13.05 14.36 4.26
CA VAL B 58 13.96 14.71 3.20
C VAL B 58 15.24 13.92 3.31
N ARG B 59 15.72 13.70 4.53
CA ARG B 59 16.92 12.93 4.70
C ARG B 59 16.73 11.52 4.15
N ARG B 60 15.60 10.90 4.42
CA ARG B 60 15.32 9.56 3.92
C ARG B 60 15.24 9.55 2.42
N MET B 61 14.63 10.56 1.83
CA MET B 61 14.48 10.62 0.38
C MET B 61 15.87 10.75 -0.27
N ASN B 62 16.67 11.65 0.27
CA ASN B 62 18.02 11.81 -0.23
C ASN B 62 18.84 10.54 -0.13
N SER B 63 18.72 9.82 0.99
CA SER B 63 19.37 8.53 1.17
C SER B 63 18.96 7.47 0.18
N ALA B 64 17.69 7.45 -0.19
CA ALA B 64 17.17 6.51 -1.18
C ALA B 64 17.76 6.80 -2.55
N VAL B 65 17.80 8.05 -2.98
CA VAL B 65 18.42 8.38 -4.26
C VAL B 65 19.90 8.05 -4.26
N GLU B 66 20.55 8.18 -3.13
CA GLU B 66 21.95 7.83 -2.98
C GLU B 66 22.16 6.35 -3.07
N ALA B 67 21.26 5.59 -2.48
CA ALA B 67 21.39 4.14 -2.51
C ALA B 67 20.97 3.53 -3.83
N PHE B 68 20.00 4.14 -4.51
CA PHE B 68 19.40 3.64 -5.73
C PHE B 68 19.39 4.71 -6.81
N PRO B 69 20.60 5.12 -7.25
CA PRO B 69 20.64 6.28 -8.10
C PRO B 69 20.15 6.10 -9.52
N ASP B 70 19.76 4.91 -9.90
CA ASP B 70 19.22 4.63 -11.20
C ASP B 70 17.74 4.27 -11.10
N LEU B 71 17.14 4.50 -9.95
CA LEU B 71 15.75 4.17 -9.70
C LEU B 71 14.77 4.70 -10.71
N ARG B 72 13.75 3.91 -10.95
CA ARG B 72 12.66 4.23 -11.84
C ARG B 72 11.36 3.82 -11.17
N LEU B 73 10.41 4.73 -11.15
CA LEU B 73 9.12 4.48 -10.58
C LEU B 73 8.10 4.31 -11.68
N ASP B 74 7.34 3.24 -11.62
CA ASP B 74 6.29 2.96 -12.57
C ASP B 74 4.97 3.10 -11.87
N VAL B 75 4.14 4.04 -12.28
CA VAL B 75 2.86 4.16 -11.61
C VAL B 75 1.95 3.08 -12.14
N ARG B 76 1.59 2.16 -11.29
CA ARG B 76 0.77 0.99 -11.73
C ARG B 76 -0.68 1.36 -11.81
N SER B 77 -1.11 2.21 -10.89
CA SER B 77 -2.45 2.67 -10.79
C SER B 77 -2.48 3.97 -10.02
N ILE B 78 -3.37 4.86 -10.40
CA ILE B 78 -3.58 6.10 -9.67
C ILE B 78 -5.04 6.38 -9.61
N VAL B 79 -5.57 6.72 -8.44
CA VAL B 79 -6.98 7.06 -8.27
C VAL B 79 -7.15 8.31 -7.39
N GLY B 80 -8.03 9.18 -7.80
CA GLY B 80 -8.29 10.42 -7.09
C GLY B 80 -9.78 10.62 -6.84
N GLU B 81 -10.11 11.14 -5.67
CA GLU B 81 -11.41 11.46 -5.29
C GLU B 81 -11.33 12.52 -4.21
N GLY B 82 -12.10 13.59 -4.38
CA GLY B 82 -12.06 14.68 -3.42
C GLY B 82 -10.67 15.27 -3.29
N ASP B 83 -10.19 15.43 -2.07
CA ASP B 83 -8.87 15.99 -1.84
C ASP B 83 -7.75 14.91 -1.76
N ARG B 84 -8.03 13.64 -2.10
CA ARG B 84 -7.01 12.62 -1.98
C ARG B 84 -6.67 11.94 -3.26
N VAL B 85 -5.44 11.44 -3.32
CA VAL B 85 -4.98 10.65 -4.43
C VAL B 85 -4.20 9.50 -3.83
N MET B 86 -4.40 8.30 -4.35
CA MET B 86 -3.60 7.13 -4.00
C MET B 86 -2.91 6.60 -5.22
N LEU B 87 -1.67 6.13 -5.08
CA LEU B 87 -0.99 5.56 -6.19
C LEU B 87 -0.33 4.30 -5.79
N ARG B 88 -0.42 3.28 -6.64
CA ARG B 88 0.35 2.03 -6.44
C ARG B 88 1.53 2.10 -7.37
N ILE B 89 2.74 2.01 -6.82
CA ILE B 89 3.95 2.28 -7.60
C ILE B 89 4.96 1.17 -7.42
N THR B 90 5.62 0.79 -8.53
CA THR B 90 6.68 -0.18 -8.46
C THR B 90 7.97 0.50 -8.76
N CYS B 91 8.95 0.34 -7.90
CA CYS B 91 10.25 0.96 -8.07
C CYS B 91 11.27 -0.11 -8.46
N SER B 92 12.07 0.17 -9.50
CA SER B 92 13.13 -0.75 -9.93
C SER B 92 14.43 -0.02 -9.87
N ALA B 93 15.47 -0.64 -9.31
CA ALA B 93 16.77 0.01 -9.24
C ALA B 93 17.90 -0.98 -9.03
N THR B 94 19.14 -0.46 -8.96
CA THR B 94 20.26 -1.30 -8.59
C THR B 94 20.86 -0.72 -7.34
N HIS B 95 21.16 -1.61 -6.43
CA HIS B 95 21.62 -1.27 -5.12
C HIS B 95 23.09 -0.86 -5.16
N GLN B 96 23.34 0.40 -5.38
CA GLN B 96 24.71 0.89 -5.53
C GLN B 96 25.23 1.65 -4.35
N GLY B 97 24.42 1.83 -3.30
CA GLY B 97 24.88 2.56 -2.13
C GLY B 97 24.39 1.94 -0.86
N VAL B 98 24.97 2.38 0.24
CA VAL B 98 24.61 1.86 1.54
C VAL B 98 23.16 2.10 1.73
N PHE B 99 22.45 1.09 2.22
CA PHE B 99 21.05 1.32 2.47
C PHE B 99 20.48 0.74 3.72
N MET B 100 19.86 1.62 4.53
CA MET B 100 19.25 1.22 5.77
C MET B 100 20.27 0.30 6.35
N GLY B 101 21.52 0.74 6.33
CA GLY B 101 22.58 -0.05 6.87
C GLY B 101 23.17 -1.17 6.07
N ILE B 102 22.46 -1.69 5.07
CA ILE B 102 22.99 -2.77 4.26
C ILE B 102 23.88 -2.18 3.18
N ALA B 103 25.16 -2.55 3.17
CA ALA B 103 26.04 -2.00 2.18
C ALA B 103 25.66 -2.46 0.78
N PRO B 104 26.22 -1.84 -0.23
CA PRO B 104 25.91 -2.17 -1.62
C PRO B 104 26.13 -3.63 -2.04
N THR B 105 25.40 -4.08 -3.05
CA THR B 105 25.51 -5.42 -3.58
C THR B 105 25.66 -5.36 -5.07
N GLY B 106 25.24 -4.25 -5.67
CA GLY B 106 25.20 -4.10 -7.08
C GLY B 106 24.00 -4.79 -7.64
N ARG B 107 23.15 -5.39 -6.82
CA ARG B 107 22.06 -6.19 -7.33
C ARG B 107 20.86 -5.40 -7.82
N LYS B 108 20.16 -5.97 -8.78
CA LYS B 108 18.92 -5.40 -9.24
C LYS B 108 17.82 -5.67 -8.22
N VAL B 109 17.12 -4.62 -7.78
CA VAL B 109 16.05 -4.77 -6.80
C VAL B 109 14.78 -4.15 -7.26
N ARG B 110 13.69 -4.48 -6.57
CA ARG B 110 12.42 -4.01 -6.95
C ARG B 110 11.49 -4.07 -5.74
N TRP B 111 10.71 -3.02 -5.55
CA TRP B 111 9.68 -3.04 -4.47
C TRP B 111 8.47 -2.33 -4.94
N THR B 112 7.36 -2.58 -4.24
CA THR B 112 6.10 -1.95 -4.54
C THR B 112 5.59 -1.17 -3.34
N TYR B 113 4.81 -0.12 -3.57
CA TYR B 113 4.30 0.64 -2.48
C TYR B 113 3.11 1.48 -2.85
N LEU B 114 2.37 1.84 -1.82
CA LEU B 114 1.29 2.81 -1.90
C LEU B 114 1.79 4.17 -1.44
N GLU B 115 1.39 5.22 -2.16
CA GLU B 115 1.61 6.57 -1.73
C GLU B 115 0.22 7.20 -1.65
N GLU B 116 -0.11 7.84 -0.54
CA GLU B 116 -1.37 8.52 -0.42
C GLU B 116 -1.14 9.93 -0.06
N LEU B 117 -1.79 10.84 -0.77
CA LEU B 117 -1.62 12.27 -0.54
C LEU B 117 -2.95 12.98 -0.38
N ARG B 118 -3.02 13.93 0.53
CA ARG B 118 -4.16 14.74 0.71
C ARG B 118 -3.73 16.14 0.41
N PHE B 119 -4.52 16.84 -0.37
CA PHE B 119 -4.17 18.20 -0.86
C PHE B 119 -5.10 19.29 -0.28
N SER B 120 -4.52 20.48 -0.07
CA SER B 120 -5.25 21.68 0.30
C SER B 120 -5.98 22.20 -0.89
N GLU B 121 -6.92 23.11 -0.67
CA GLU B 121 -7.66 23.69 -1.78
C GLU B 121 -6.72 24.45 -2.74
N ALA B 122 -5.58 24.92 -2.29
CA ALA B 122 -4.64 25.50 -3.21
C ALA B 122 -3.66 24.53 -3.89
N GLY B 123 -3.85 23.21 -3.72
CA GLY B 123 -3.03 22.25 -4.45
C GLY B 123 -1.70 21.85 -3.86
N LYS B 124 -1.53 22.00 -2.56
CA LYS B 124 -0.31 21.60 -1.92
C LYS B 124 -0.59 20.39 -1.04
N VAL B 125 0.44 19.59 -0.82
CA VAL B 125 0.29 18.37 -0.03
C VAL B 125 0.33 18.76 1.43
N VAL B 126 -0.75 18.42 2.13
CA VAL B 126 -0.90 18.69 3.57
C VAL B 126 -0.74 17.47 4.48
N GLU B 127 -1.03 16.29 3.98
CA GLU B 127 -0.82 15.07 4.70
C GLU B 127 -0.35 13.99 3.74
N HIS B 128 0.50 13.10 4.19
CA HIS B 128 1.09 12.09 3.29
C HIS B 128 1.31 10.78 4.04
N TRP B 129 0.87 9.66 3.47
CA TRP B 129 1.01 8.37 4.05
C TRP B 129 1.65 7.47 2.99
N ASP B 130 2.13 6.35 3.43
CA ASP B 130 2.53 5.29 2.50
C ASP B 130 2.50 3.91 3.14
N VAL B 131 2.56 2.89 2.30
CA VAL B 131 2.74 1.53 2.72
C VAL B 131 3.79 0.95 1.82
N PHE B 132 4.90 0.51 2.41
CA PHE B 132 5.97 -0.09 1.64
C PHE B 132 6.06 -1.59 1.88
N ASN B 133 6.13 -2.37 0.84
CA ASN B 133 6.49 -3.74 0.93
C ASN B 133 7.92 -3.93 0.57
N PHE B 134 8.77 -3.81 1.57
CA PHE B 134 10.18 -4.02 1.33
C PHE B 134 10.56 -5.51 1.41
N SER B 135 9.60 -6.44 1.52
CA SER B 135 9.96 -7.87 1.58
C SER B 135 10.86 -8.30 0.42
N PRO B 136 10.41 -8.06 -0.84
CA PRO B 136 11.31 -8.49 -1.91
C PRO B 136 12.70 -7.94 -1.75
N LEU B 137 12.83 -6.72 -1.26
CA LEU B 137 14.14 -6.12 -1.10
C LEU B 137 14.93 -6.78 0.03
N PHE B 138 14.33 -7.04 1.18
CA PHE B 138 15.06 -7.68 2.30
C PHE B 138 15.49 -9.06 1.91
N ARG B 139 14.57 -9.83 1.37
CA ARG B 139 14.85 -11.19 0.94
C ARG B 139 16.01 -11.19 -0.01
N ASP B 140 15.92 -10.34 -1.03
CA ASP B 140 17.02 -10.22 -1.96
C ASP B 140 18.28 -9.89 -1.23
N LEU B 141 18.30 -8.77 -0.52
CA LEU B 141 19.52 -8.41 0.22
C LEU B 141 19.69 -9.32 1.41
CBP XN0 C . -2.93 -13.40 -2.25
OBO XN0 C . -2.04 -13.56 -1.16
CAD XN0 C . -2.19 -12.41 -0.38
CAC XN0 C . -0.83 -11.93 -0.12
CAK XN0 C . -0.87 -10.54 0.46
OAJ XN0 C . -0.13 -11.81 -1.37
CAB XN0 C . -0.07 -12.87 0.68
OAG XN0 C . 1.19 -12.28 1.10
CAA XN0 C . -0.82 -13.21 1.93
CAL XN0 C . 0.02 -14.27 2.71
OAF XN0 C . -2.02 -13.72 1.55
CAE XN0 C . -2.88 -12.89 0.84
OAH XN0 C . -3.31 -11.76 1.57
CBD XN0 C . -4.27 -12.04 2.64
CBE XN0 C . -3.47 -12.12 3.90
CBF XN0 C . -4.22 -11.53 5.11
CBM XN0 C . -3.38 -11.64 6.39
OBL XN0 C . -5.46 -12.30 5.33
CAY XN0 C . -5.29 -11.05 2.58
CAX XN0 C . -6.14 -11.00 1.50
OBN XN0 C . -6.01 -11.95 0.56
CAT XN0 C . -7.16 -10.06 1.35
CAS XN0 C . -8.01 -10.11 0.25
OBC XN0 C . -7.86 -10.99 -0.63
CAP XN0 C . -8.98 -9.17 0.13
CAO XN0 C . -9.83 -9.20 -0.97
OAW XN0 C . -9.65 -10.20 -1.82
CAN XN0 C . -10.84 -8.28 -1.14
CAM XN0 C . -10.97 -7.28 -0.19
CAR XN0 C . -10.18 -7.23 0.93
CAQ XN0 C . -9.15 -8.17 1.08
CAV XN0 C . -8.31 -8.11 2.18
OBB XN0 C . -8.44 -7.22 3.04
CAU XN0 C . -7.30 -9.09 2.31
CBA XN0 C . -6.46 -9.09 3.42
CAZ XN0 C . -5.46 -10.05 3.60
CBG XN0 C . -4.61 -10.03 4.75
CBH XN0 C . -5.20 -9.45 5.90
OBJ XN0 C . -4.66 -8.50 6.50
OBI XN0 C . -6.35 -10.06 6.31
CBK XN0 C . -7.03 -9.39 7.37
#